data_5DK9
#
_entry.id   5DK9
#
_cell.length_a   54.490
_cell.length_b   81.920
_cell.length_c   58.280
_cell.angle_alpha   90.000
_cell.angle_beta   111.070
_cell.angle_gamma   90.000
#
_symmetry.space_group_name_H-M   'P 1 21 1'
#
loop_
_entity.id
_entity.type
_entity.pdbx_description
1 polymer 'Estrogen receptor'
2 polymer 'Nuclear receptor coactivator 2'
3 non-polymer "4,4'-{2-[3-(phenylamino)phenyl]but-1-ene-1,1-diyl}diphenol"
4 water water
#
loop_
_entity_poly.entity_id
_entity_poly.type
_entity_poly.pdbx_seq_one_letter_code
_entity_poly.pdbx_strand_id
1 'polypeptide(L)'
;IKRSKKNSLALSLTADQMVSALLDAEPPILYSEYDPTRPFSEASMMGLLTNLADRELVHMINWAKRVPGFVDLTLHDQVH
LLECAWLEILMIGLVWRSMEHPGKLLFAPNLLLDRNQGKCVEGMVEIFDMLLATSSRFRMMNLQGEEFVCLKSIILLNSG
VYTFLSSTLKSLEEKDHIHRVLDKITDTLIHLMAKAGLTLQQQHQRLAQLLLILSHIRHMSNKGMEHLYSMKCKNVVPLS
DLLLEMLDAHRLHAPTS
;
A,B
2 'polypeptide(L)' KHKILHRLLQDSSS C,D
#
loop_
_chem_comp.id
_chem_comp.type
_chem_comp.name
_chem_comp.formula
5CC non-polymer 4,4'-{2-[3-(phenylamino)phenyl]but-1-ene-1,1-diyl}diphenol 'C28 H25 N O2'
#
# COMPACT_ATOMS: atom_id res chain seq x y z
N LEU A 9 4.19 -20.75 18.99
CA LEU A 9 3.30 -20.51 20.13
C LEU A 9 2.08 -19.71 19.70
N ALA A 10 2.26 -18.82 18.74
CA ALA A 10 1.17 -18.01 18.22
C ALA A 10 0.23 -18.84 17.35
N LEU A 11 0.80 -19.83 16.69
CA LEU A 11 0.03 -20.69 15.78
C LEU A 11 -0.96 -21.56 16.54
N SER A 12 -0.59 -21.96 17.75
CA SER A 12 -1.41 -22.85 18.55
C SER A 12 -2.57 -22.12 19.22
N LEU A 13 -2.54 -20.79 19.18
CA LEU A 13 -3.60 -19.99 19.77
C LEU A 13 -4.87 -20.04 18.94
N THR A 14 -6.03 -19.94 19.59
CA THR A 14 -7.30 -19.94 18.89
C THR A 14 -7.67 -18.52 18.48
N ALA A 15 -8.73 -18.39 17.69
CA ALA A 15 -9.13 -17.08 17.16
C ALA A 15 -9.70 -16.16 18.24
N ASP A 16 -10.52 -16.71 19.13
CA ASP A 16 -11.03 -15.94 20.26
C ASP A 16 -9.88 -15.55 21.18
N GLN A 17 -8.93 -16.46 21.34
CA GLN A 17 -7.74 -16.18 22.15
C GLN A 17 -6.86 -15.15 21.46
N MET A 18 -6.78 -15.24 20.14
CA MET A 18 -6.02 -14.28 19.35
C MET A 18 -6.53 -12.87 19.55
N VAL A 19 -7.85 -12.70 19.44
CA VAL A 19 -8.50 -11.42 19.64
C VAL A 19 -8.23 -10.86 21.04
N SER A 20 -8.47 -11.69 22.05
CA SER A 20 -8.29 -11.29 23.44
C SER A 20 -6.86 -10.87 23.72
N ALA A 21 -5.91 -11.59 23.15
CA ALA A 21 -4.49 -11.27 23.33
C ALA A 21 -4.15 -9.93 22.69
N LEU A 22 -4.75 -9.66 21.53
CA LEU A 22 -4.50 -8.41 20.82
C LEU A 22 -5.17 -7.23 21.52
N LEU A 23 -6.42 -7.41 21.94
CA LEU A 23 -7.16 -6.37 22.65
C LEU A 23 -6.47 -6.00 23.96
N ASP A 24 -5.84 -6.99 24.59
CA ASP A 24 -5.17 -6.79 25.87
C ASP A 24 -3.84 -6.09 25.70
N ALA A 25 -3.28 -6.17 24.50
CA ALA A 25 -1.98 -5.58 24.21
C ALA A 25 -2.11 -4.14 23.72
N GLU A 26 -3.35 -3.69 23.55
CA GLU A 26 -3.63 -2.33 23.06
C GLU A 26 -2.93 -1.25 23.87
N PRO A 27 -2.16 -0.39 23.17
CA PRO A 27 -1.47 0.72 23.82
C PRO A 27 -2.50 1.76 24.28
N PRO A 28 -2.16 2.56 25.28
CA PRO A 28 -3.11 3.56 25.78
C PRO A 28 -3.15 4.79 24.91
N ILE A 29 -4.25 5.55 25.01
CA ILE A 29 -4.36 6.82 24.29
C ILE A 29 -3.70 7.92 25.13
N LEU A 30 -2.62 8.48 24.59
CA LEU A 30 -1.85 9.49 25.31
C LEU A 30 -2.40 10.89 25.08
N TYR A 31 -2.06 11.82 25.97
CA TYR A 31 -2.50 13.19 25.84
C TYR A 31 -1.42 14.08 25.26
N SER A 32 -1.82 15.08 24.50
CA SER A 32 -0.90 16.09 24.01
C SER A 32 -0.48 17.00 25.15
N GLU A 33 0.56 17.77 24.94
CA GLU A 33 0.96 18.79 25.90
C GLU A 33 -0.16 19.81 26.04
N TYR A 34 -0.44 20.20 27.28
CA TYR A 34 -1.65 20.96 27.60
C TYR A 34 -1.47 22.48 27.53
N ASP A 35 -0.74 22.97 26.53
CA ASP A 35 -0.47 24.40 26.43
C ASP A 35 -1.75 25.25 26.58
N PRO A 36 -2.74 25.10 25.66
CA PRO A 36 -2.74 24.58 24.30
C PRO A 36 -2.36 25.72 23.36
N THR A 37 -2.89 26.92 23.67
CA THR A 37 -2.57 28.16 22.96
C THR A 37 -2.82 28.09 21.45
N ARG A 38 -3.97 28.62 21.04
CA ARG A 38 -4.42 28.48 19.66
C ARG A 38 -4.67 29.82 18.97
N PRO A 39 -4.59 29.85 17.63
CA PRO A 39 -4.21 28.75 16.73
C PRO A 39 -2.73 28.42 16.83
N PHE A 40 -2.29 27.42 16.07
CA PHE A 40 -0.89 27.01 16.10
C PHE A 40 -0.09 27.65 14.97
N SER A 41 1.22 27.68 15.14
CA SER A 41 2.13 27.95 14.03
C SER A 41 2.60 26.59 13.55
N GLU A 42 3.30 26.55 12.43
CA GLU A 42 3.74 25.27 11.89
C GLU A 42 4.78 24.61 12.79
N ALA A 43 5.49 25.43 13.57
CA ALA A 43 6.51 24.92 14.47
C ALA A 43 5.90 24.32 15.72
N SER A 44 4.92 25.01 16.30
CA SER A 44 4.25 24.55 17.50
C SER A 44 3.40 23.31 17.23
N MET A 45 2.77 23.27 16.06
CA MET A 45 1.97 22.12 15.68
C MET A 45 2.84 20.89 15.48
N MET A 46 3.93 21.05 14.75
CA MET A 46 4.87 19.95 14.54
C MET A 46 5.51 19.51 15.85
N GLY A 47 5.67 20.46 16.77
CA GLY A 47 6.21 20.15 18.08
C GLY A 47 5.30 19.22 18.87
N LEU A 48 4.01 19.57 18.93
CA LEU A 48 3.03 18.77 19.65
C LEU A 48 2.92 17.37 19.06
N LEU A 49 2.96 17.28 17.74
CA LEU A 49 2.83 16.00 17.05
C LEU A 49 4.08 15.14 17.22
N THR A 50 5.24 15.77 17.13
CA THR A 50 6.52 15.06 17.29
C THR A 50 6.67 14.53 18.71
N ASN A 51 6.34 15.37 19.68
CA ASN A 51 6.39 14.98 21.09
C ASN A 51 5.42 13.83 21.38
N LEU A 52 4.23 13.91 20.81
CA LEU A 52 3.22 12.88 20.98
C LEU A 52 3.65 11.56 20.35
N ALA A 53 4.10 11.63 19.10
CA ALA A 53 4.50 10.45 18.35
C ALA A 53 5.67 9.73 19.02
N ASP A 54 6.60 10.50 19.58
CA ASP A 54 7.77 9.93 20.23
C ASP A 54 7.38 9.13 21.47
N ARG A 55 6.38 9.60 22.20
CA ARG A 55 5.89 8.90 23.38
C ARG A 55 5.04 7.69 23.00
N GLU A 56 4.37 7.78 21.86
CA GLU A 56 3.58 6.66 21.35
C GLU A 56 4.47 5.51 20.90
N LEU A 57 5.64 5.85 20.37
CA LEU A 57 6.61 4.86 19.90
C LEU A 57 7.00 3.88 21.00
N VAL A 58 7.29 4.41 22.19
CA VAL A 58 7.70 3.60 23.33
C VAL A 58 6.61 2.59 23.70
N HIS A 59 5.35 3.02 23.62
CA HIS A 59 4.22 2.14 23.90
C HIS A 59 4.00 1.14 22.76
N MET A 60 4.28 1.58 21.53
CA MET A 60 4.13 0.72 20.36
C MET A 60 5.11 -0.43 20.39
N ILE A 61 6.36 -0.11 20.72
CA ILE A 61 7.44 -1.09 20.80
C ILE A 61 7.08 -2.20 21.80
N ASN A 62 6.40 -1.82 22.87
CA ASN A 62 5.95 -2.79 23.87
C ASN A 62 4.67 -3.50 23.46
N TRP A 63 3.82 -2.81 22.70
CA TRP A 63 2.63 -3.43 22.13
C TRP A 63 3.03 -4.49 21.13
N ALA A 64 4.09 -4.22 20.38
CA ALA A 64 4.58 -5.13 19.35
C ALA A 64 5.12 -6.43 19.94
N LYS A 65 5.83 -6.32 21.06
CA LYS A 65 6.38 -7.50 21.73
C LYS A 65 5.26 -8.41 22.21
N ARG A 66 4.08 -7.84 22.42
CA ARG A 66 2.94 -8.61 22.90
C ARG A 66 2.04 -9.06 21.76
N VAL A 67 2.48 -8.82 20.53
CA VAL A 67 1.79 -9.35 19.35
C VAL A 67 2.26 -10.78 19.14
N PRO A 68 1.30 -11.73 19.11
CA PRO A 68 1.59 -13.17 18.98
C PRO A 68 2.52 -13.49 17.81
N GLY A 69 3.64 -14.13 18.10
CA GLY A 69 4.59 -14.55 17.09
C GLY A 69 5.66 -13.52 16.77
N PHE A 70 5.59 -12.36 17.42
CA PHE A 70 6.53 -11.28 17.16
C PHE A 70 7.84 -11.46 17.94
N VAL A 71 7.74 -12.04 19.14
CA VAL A 71 8.93 -12.31 19.94
C VAL A 71 9.66 -13.55 19.44
N ASP A 72 9.00 -14.30 18.56
CA ASP A 72 9.59 -15.51 17.99
C ASP A 72 10.58 -15.16 16.88
N LEU A 73 10.59 -13.89 16.49
CA LEU A 73 11.50 -13.41 15.45
C LEU A 73 12.84 -13.02 16.05
N THR A 74 13.88 -13.01 15.23
CA THR A 74 15.18 -12.52 15.65
C THR A 74 15.07 -11.03 15.93
N LEU A 75 16.01 -10.51 16.73
CA LEU A 75 15.99 -9.10 17.09
C LEU A 75 16.16 -8.22 15.85
N HIS A 76 16.84 -8.74 14.84
CA HIS A 76 16.99 -8.05 13.57
C HIS A 76 15.63 -7.86 12.91
N ASP A 77 14.89 -8.96 12.79
CA ASP A 77 13.59 -8.94 12.13
C ASP A 77 12.58 -8.05 12.85
N GLN A 78 12.60 -8.09 14.17
CA GLN A 78 11.71 -7.26 14.98
C GLN A 78 11.97 -5.78 14.71
N VAL A 79 13.25 -5.43 14.62
CA VAL A 79 13.65 -4.05 14.35
C VAL A 79 13.20 -3.60 12.96
N HIS A 80 13.49 -4.42 11.95
CA HIS A 80 13.16 -4.11 10.57
C HIS A 80 11.66 -3.87 10.38
N LEU A 81 10.84 -4.76 10.94
CA LEU A 81 9.39 -4.64 10.83
C LEU A 81 8.87 -3.35 11.45
N LEU A 82 9.34 -3.05 12.66
CA LEU A 82 8.94 -1.84 13.35
C LEU A 82 9.41 -0.58 12.61
N GLU A 83 10.65 -0.60 12.13
CA GLU A 83 11.19 0.51 11.37
C GLU A 83 10.39 0.78 10.11
N CYS A 84 9.85 -0.29 9.53
CA CYS A 84 9.10 -0.19 8.29
C CYS A 84 7.65 0.25 8.53
N ALA A 85 7.08 -0.16 9.65
CA ALA A 85 5.64 -0.02 9.87
C ALA A 85 5.21 1.05 10.86
N TRP A 86 6.16 1.65 11.58
CA TRP A 86 5.84 2.54 12.70
C TRP A 86 4.88 3.69 12.36
N LEU A 87 5.10 4.35 11.23
CA LEU A 87 4.23 5.46 10.85
C LEU A 87 2.86 4.96 10.39
N GLU A 88 2.85 3.81 9.72
CA GLU A 88 1.60 3.17 9.33
C GLU A 88 0.77 2.85 10.57
N ILE A 89 1.45 2.31 11.58
CA ILE A 89 0.81 1.93 12.83
C ILE A 89 0.31 3.16 13.59
N LEU A 90 1.09 4.24 13.56
CA LEU A 90 0.67 5.49 14.18
C LEU A 90 -0.56 6.06 13.49
N MET A 91 -0.54 6.04 12.16
CA MET A 91 -1.63 6.60 11.36
C MET A 91 -2.94 5.85 11.51
N ILE A 92 -2.90 4.52 11.45
CA ILE A 92 -4.11 3.72 11.58
C ILE A 92 -4.72 3.87 12.97
N GLY A 93 -3.87 4.14 13.95
CA GLY A 93 -4.34 4.41 15.30
C GLY A 93 -5.05 5.75 15.34
N LEU A 94 -4.41 6.75 14.75
CA LEU A 94 -5.00 8.09 14.64
C LEU A 94 -6.34 8.04 13.92
N VAL A 95 -6.36 7.32 12.80
CA VAL A 95 -7.58 7.14 12.02
C VAL A 95 -8.66 6.44 12.86
N TRP A 96 -8.25 5.41 13.60
CA TRP A 96 -9.16 4.68 14.47
C TRP A 96 -9.77 5.56 15.56
N ARG A 97 -8.94 6.38 16.18
CA ARG A 97 -9.39 7.29 17.23
C ARG A 97 -10.38 8.33 16.69
N SER A 98 -10.22 8.67 15.41
CA SER A 98 -10.95 9.79 14.82
C SER A 98 -12.28 9.39 14.18
N MET A 99 -12.61 8.10 14.25
CA MET A 99 -13.84 7.59 13.64
C MET A 99 -15.10 8.30 14.14
N GLU A 100 -15.19 8.46 15.46
CA GLU A 100 -16.37 9.08 16.06
C GLU A 100 -16.34 10.60 15.96
N HIS A 101 -15.33 11.11 15.26
CA HIS A 101 -15.21 12.55 15.04
C HIS A 101 -15.06 12.87 13.56
N PRO A 102 -16.17 12.81 12.81
CA PRO A 102 -16.16 13.05 11.36
C PRO A 102 -15.63 14.44 11.00
N GLY A 103 -14.68 14.50 10.07
CA GLY A 103 -14.09 15.76 9.65
C GLY A 103 -13.03 16.24 10.61
N LYS A 104 -12.71 15.43 11.60
CA LYS A 104 -11.74 15.80 12.63
C LYS A 104 -10.69 14.71 12.81
N LEU A 105 -9.48 15.12 13.18
CA LEU A 105 -8.43 14.17 13.52
C LEU A 105 -8.10 14.22 15.01
N LEU A 106 -8.34 13.10 15.69
CA LEU A 106 -8.13 13.04 17.13
C LEU A 106 -6.74 12.51 17.47
N PHE A 107 -5.75 13.40 17.42
CA PHE A 107 -4.38 13.04 17.76
C PHE A 107 -4.28 12.67 19.23
N ALA A 108 -5.00 13.42 20.05
CA ALA A 108 -5.07 13.19 21.48
C ALA A 108 -6.39 13.73 21.97
N PRO A 109 -6.94 13.18 23.07
CA PRO A 109 -8.24 13.62 23.60
C PRO A 109 -8.28 15.13 23.85
N ASN A 110 -7.13 15.75 24.10
CA ASN A 110 -7.06 17.19 24.27
C ASN A 110 -6.43 17.87 23.05
N LEU A 111 -6.50 17.19 21.91
CA LEU A 111 -5.94 17.72 20.67
C LEU A 111 -6.73 17.23 19.45
N LEU A 112 -7.86 17.89 19.18
CA LEU A 112 -8.71 17.53 18.06
C LEU A 112 -8.62 18.58 16.95
N LEU A 113 -8.26 18.14 15.75
CA LEU A 113 -7.97 19.07 14.66
C LEU A 113 -8.85 18.82 13.43
N ASP A 114 -9.30 19.89 12.79
CA ASP A 114 -10.00 19.76 11.52
C ASP A 114 -9.07 20.00 10.34
N ARG A 115 -9.59 19.89 9.12
CA ARG A 115 -8.79 20.06 7.92
C ARG A 115 -8.12 21.43 7.86
N ASN A 116 -8.86 22.45 8.26
CA ASN A 116 -8.37 23.82 8.20
C ASN A 116 -7.11 24.05 9.03
N GLN A 117 -7.07 23.41 10.21
CA GLN A 117 -5.90 23.50 11.07
C GLN A 117 -4.72 22.77 10.46
N GLY A 118 -4.99 21.92 9.47
CA GLY A 118 -3.95 21.22 8.75
C GLY A 118 -3.14 22.15 7.88
N LYS A 119 -3.76 23.26 7.48
CA LYS A 119 -3.08 24.24 6.63
C LYS A 119 -1.98 24.99 7.38
N CYS A 120 -1.95 24.82 8.71
CA CYS A 120 -0.95 25.46 9.55
C CYS A 120 0.46 25.08 9.14
N VAL A 121 0.64 23.79 8.89
CA VAL A 121 1.91 23.27 8.40
C VAL A 121 1.78 23.10 6.88
N GLU A 122 2.85 23.41 6.15
CA GLU A 122 2.78 23.39 4.69
C GLU A 122 2.40 22.01 4.14
N GLY A 123 1.12 21.68 4.29
CA GLY A 123 0.51 20.47 3.73
C GLY A 123 1.26 19.18 3.89
N MET A 124 0.95 18.33 4.87
CA MET A 124 -0.05 18.46 5.94
C MET A 124 -1.54 18.38 5.56
N VAL A 125 -2.09 19.41 4.93
CA VAL A 125 -3.51 19.37 4.55
C VAL A 125 -3.79 18.24 3.58
N GLU A 126 -2.79 17.91 2.76
CA GLU A 126 -2.90 16.82 1.80
C GLU A 126 -2.98 15.49 2.54
N ILE A 127 -2.14 15.33 3.56
CA ILE A 127 -2.15 14.12 4.38
C ILE A 127 -3.37 14.08 5.28
N PHE A 128 -3.77 15.25 5.78
CA PHE A 128 -4.99 15.39 6.57
C PHE A 128 -6.18 14.83 5.82
N ASP A 129 -6.35 15.26 4.57
CA ASP A 129 -7.45 14.82 3.73
C ASP A 129 -7.44 13.30 3.54
N MET A 130 -6.26 12.75 3.28
CA MET A 130 -6.12 11.31 3.11
C MET A 130 -6.46 10.57 4.40
N LEU A 131 -6.06 11.15 5.54
CA LEU A 131 -6.36 10.57 6.84
C LEU A 131 -7.84 10.67 7.17
N LEU A 132 -8.44 11.83 6.86
CA LEU A 132 -9.87 12.05 7.09
C LEU A 132 -10.69 11.11 6.20
N ALA A 133 -10.23 10.89 4.98
CA ALA A 133 -10.92 10.00 4.06
C ALA A 133 -10.87 8.56 4.56
N THR A 134 -9.76 8.17 5.16
CA THR A 134 -9.59 6.83 5.70
C THR A 134 -10.50 6.63 6.90
N SER A 135 -10.58 7.65 7.75
CA SER A 135 -11.41 7.61 8.95
C SER A 135 -12.89 7.48 8.60
N SER A 136 -13.33 8.27 7.63
CA SER A 136 -14.71 8.22 7.18
C SER A 136 -14.99 6.85 6.56
N ARG A 137 -14.02 6.34 5.81
CA ARG A 137 -14.13 5.03 5.19
C ARG A 137 -14.37 3.94 6.24
N PHE A 138 -13.65 4.03 7.36
CA PHE A 138 -13.85 3.11 8.48
C PHE A 138 -15.24 3.28 9.06
N ARG A 139 -15.64 4.54 9.26
CA ARG A 139 -16.94 4.87 9.84
C ARG A 139 -18.08 4.33 8.99
N MET A 140 -17.93 4.42 7.67
CA MET A 140 -18.95 3.95 6.74
C MET A 140 -19.22 2.46 6.90
N MET A 141 -18.16 1.67 6.94
CA MET A 141 -18.31 0.21 7.00
C MET A 141 -18.32 -0.33 8.43
N ASN A 142 -18.44 0.58 9.40
CA ASN A 142 -18.59 0.21 10.80
C ASN A 142 -17.46 -0.71 11.28
N LEU A 143 -16.22 -0.24 11.15
CA LEU A 143 -15.06 -1.02 11.56
C LEU A 143 -15.09 -1.30 13.06
N GLN A 144 -15.02 -2.58 13.43
CA GLN A 144 -15.05 -2.98 14.83
C GLN A 144 -13.66 -2.98 15.43
N GLY A 145 -13.59 -2.87 16.75
CA GLY A 145 -12.33 -2.84 17.47
C GLY A 145 -11.53 -4.12 17.29
N GLU A 146 -12.22 -5.26 17.32
CA GLU A 146 -11.58 -6.55 17.11
C GLU A 146 -11.00 -6.65 15.72
N GLU A 147 -11.65 -6.00 14.76
CA GLU A 147 -11.15 -5.95 13.39
C GLU A 147 -9.94 -5.04 13.31
N PHE A 148 -10.02 -3.91 14.02
CA PHE A 148 -8.95 -2.92 14.03
C PHE A 148 -7.63 -3.47 14.52
N VAL A 149 -7.65 -4.16 15.66
CA VAL A 149 -6.43 -4.71 16.25
C VAL A 149 -5.80 -5.76 15.35
N CYS A 150 -6.63 -6.47 14.58
CA CYS A 150 -6.14 -7.45 13.63
C CYS A 150 -5.44 -6.76 12.47
N LEU A 151 -6.05 -5.68 11.98
CA LEU A 151 -5.48 -4.90 10.87
C LEU A 151 -4.13 -4.30 11.25
N LYS A 152 -4.04 -3.75 12.46
CA LYS A 152 -2.82 -3.11 12.92
C LYS A 152 -1.71 -4.13 13.09
N SER A 153 -2.06 -5.32 13.53
CA SER A 153 -1.10 -6.41 13.66
C SER A 153 -0.63 -6.87 12.28
N ILE A 154 -1.57 -6.93 11.33
CA ILE A 154 -1.25 -7.30 9.96
C ILE A 154 -0.23 -6.32 9.36
N ILE A 155 -0.47 -5.03 9.58
CA ILE A 155 0.44 -3.99 9.13
C ILE A 155 1.85 -4.21 9.66
N LEU A 156 1.96 -4.52 10.95
CA LEU A 156 3.25 -4.74 11.60
C LEU A 156 4.03 -5.87 10.96
N LEU A 157 3.37 -7.01 10.75
CA LEU A 157 4.03 -8.21 10.25
C LEU A 157 4.24 -8.21 8.74
N ASN A 158 3.32 -7.60 8.00
CA ASN A 158 3.35 -7.66 6.54
C ASN A 158 4.20 -6.58 5.87
N SER A 159 4.19 -5.38 6.44
CA SER A 159 4.79 -4.22 5.77
C SER A 159 6.29 -4.35 5.47
N GLY A 160 7.01 -5.14 6.26
CA GLY A 160 8.44 -5.29 6.06
C GLY A 160 8.89 -6.72 5.82
N VAL A 161 7.95 -7.59 5.46
CA VAL A 161 8.27 -9.01 5.29
C VAL A 161 8.87 -9.29 3.90
N TYR A 162 8.68 -8.36 2.97
CA TYR A 162 9.23 -8.50 1.62
C TYR A 162 10.57 -7.78 1.53
N THR A 163 11.21 -7.58 2.67
CA THR A 163 12.49 -6.88 2.72
C THR A 163 13.33 -7.41 3.87
N ASP A 176 8.11 -16.86 6.04
CA ASP A 176 7.62 -18.20 6.31
C ASP A 176 6.78 -18.23 7.57
N HIS A 177 7.45 -18.09 8.72
CA HIS A 177 6.77 -18.01 10.00
C HIS A 177 5.84 -16.81 10.06
N ILE A 178 6.29 -15.70 9.47
CA ILE A 178 5.50 -14.46 9.44
C ILE A 178 4.24 -14.65 8.61
N HIS A 179 4.38 -15.26 7.44
CA HIS A 179 3.24 -15.54 6.57
C HIS A 179 2.31 -16.56 7.22
N ARG A 180 2.88 -17.39 8.09
CA ARG A 180 2.10 -18.36 8.83
C ARG A 180 1.22 -17.65 9.85
N VAL A 181 1.81 -16.67 10.54
CA VAL A 181 1.08 -15.87 11.50
C VAL A 181 0.07 -14.96 10.80
N LEU A 182 0.45 -14.47 9.61
CA LEU A 182 -0.44 -13.62 8.82
C LEU A 182 -1.71 -14.35 8.41
N ASP A 183 -1.58 -15.62 8.08
CA ASP A 183 -2.74 -16.45 7.74
C ASP A 183 -3.68 -16.62 8.93
N LYS A 184 -3.09 -16.68 10.12
CA LYS A 184 -3.87 -16.83 11.35
C LYS A 184 -4.76 -15.63 11.62
N ILE A 185 -4.20 -14.43 11.42
CA ILE A 185 -4.94 -13.20 11.62
C ILE A 185 -6.04 -13.08 10.56
N THR A 186 -5.80 -13.66 9.39
CA THR A 186 -6.83 -13.75 8.37
C THR A 186 -7.94 -14.68 8.85
N ASP A 187 -7.55 -15.82 9.41
CA ASP A 187 -8.50 -16.75 10.01
C ASP A 187 -9.30 -16.07 11.12
N THR A 188 -8.62 -15.21 11.86
CA THR A 188 -9.23 -14.49 12.96
C THR A 188 -10.24 -13.45 12.45
N LEU A 189 -9.86 -12.73 11.40
CA LEU A 189 -10.72 -11.74 10.78
C LEU A 189 -12.02 -12.37 10.27
N ILE A 190 -11.89 -13.50 9.59
CA ILE A 190 -13.05 -14.23 9.07
C ILE A 190 -13.95 -14.67 10.21
N HIS A 191 -13.34 -15.16 11.29
CA HIS A 191 -14.06 -15.59 12.48
C HIS A 191 -14.98 -14.47 13.00
N LEU A 192 -14.42 -13.26 13.11
CA LEU A 192 -15.16 -12.12 13.60
C LEU A 192 -16.36 -11.80 12.71
N MET A 193 -16.17 -11.96 11.41
CA MET A 193 -17.23 -11.67 10.45
C MET A 193 -18.30 -12.76 10.44
N ALA A 194 -17.88 -14.00 10.67
CA ALA A 194 -18.82 -15.11 10.79
C ALA A 194 -19.63 -14.96 12.07
N LYS A 195 -19.00 -14.37 13.08
CA LYS A 195 -19.66 -14.09 14.35
C LYS A 195 -20.73 -13.01 14.18
N ALA A 196 -20.43 -12.00 13.38
CA ALA A 196 -21.34 -10.89 13.17
C ALA A 196 -22.56 -11.29 12.34
N GLY A 197 -22.51 -12.49 11.75
CA GLY A 197 -23.64 -13.02 11.02
C GLY A 197 -23.57 -12.76 9.52
N LEU A 198 -22.39 -12.39 9.03
CA LEU A 198 -22.21 -12.12 7.62
C LEU A 198 -22.20 -13.41 6.81
N THR A 199 -22.72 -13.35 5.59
CA THR A 199 -22.70 -14.49 4.68
C THR A 199 -21.28 -14.70 4.16
N LEU A 200 -21.02 -15.89 3.63
CA LEU A 200 -19.70 -16.22 3.08
C LEU A 200 -19.23 -15.20 2.06
N GLN A 201 -20.14 -14.72 1.23
CA GLN A 201 -19.82 -13.71 0.24
C GLN A 201 -19.48 -12.38 0.90
N GLN A 202 -20.31 -11.97 1.85
CA GLN A 202 -20.11 -10.72 2.57
C GLN A 202 -18.82 -10.74 3.39
N GLN A 203 -18.37 -11.94 3.76
CA GLN A 203 -17.15 -12.09 4.54
C GLN A 203 -15.89 -11.78 3.72
N HIS A 204 -15.77 -12.41 2.56
CA HIS A 204 -14.59 -12.21 1.73
C HIS A 204 -14.61 -10.85 1.03
N GLN A 205 -15.81 -10.30 0.84
CA GLN A 205 -15.94 -8.96 0.29
C GLN A 205 -15.47 -7.91 1.31
N ARG A 206 -15.92 -8.06 2.54
CA ARG A 206 -15.53 -7.15 3.62
C ARG A 206 -14.04 -7.29 3.94
N LEU A 207 -13.55 -8.53 3.93
CA LEU A 207 -12.14 -8.79 4.15
C LEU A 207 -11.28 -8.08 3.11
N ALA A 208 -11.72 -8.15 1.85
CA ALA A 208 -11.02 -7.49 0.75
C ALA A 208 -11.03 -5.98 0.94
N GLN A 209 -12.16 -5.44 1.37
CA GLN A 209 -12.31 -4.01 1.59
C GLN A 209 -11.34 -3.51 2.65
N LEU A 210 -11.21 -4.28 3.74
CA LEU A 210 -10.33 -3.91 4.85
C LEU A 210 -8.86 -3.90 4.43
N LEU A 211 -8.45 -4.92 3.69
CA LEU A 211 -7.05 -5.08 3.32
C LEU A 211 -6.59 -4.09 2.25
N LEU A 212 -7.53 -3.66 1.40
CA LEU A 212 -7.21 -2.69 0.35
C LEU A 212 -6.96 -1.30 0.95
N ILE A 213 -7.56 -1.05 2.10
CA ILE A 213 -7.35 0.20 2.82
C ILE A 213 -5.91 0.28 3.32
N LEU A 214 -5.31 -0.88 3.58
CA LEU A 214 -3.92 -0.93 4.03
C LEU A 214 -2.96 -0.40 2.97
N SER A 215 -3.33 -0.55 1.70
CA SER A 215 -2.52 -0.01 0.61
C SER A 215 -2.51 1.52 0.65
N HIS A 216 -3.62 2.10 1.11
CA HIS A 216 -3.74 3.53 1.24
C HIS A 216 -3.02 4.04 2.49
N ILE A 217 -3.06 3.25 3.55
CA ILE A 217 -2.33 3.56 4.77
C ILE A 217 -0.83 3.56 4.48
N ARG A 218 -0.39 2.62 3.66
CA ARG A 218 0.99 2.57 3.19
C ARG A 218 1.34 3.84 2.43
N HIS A 219 0.44 4.24 1.53
CA HIS A 219 0.65 5.42 0.71
C HIS A 219 0.78 6.68 1.58
N MET A 220 -0.10 6.80 2.56
CA MET A 220 -0.06 7.94 3.48
C MET A 220 1.24 7.95 4.28
N SER A 221 1.70 6.76 4.64
CA SER A 221 2.95 6.62 5.40
C SER A 221 4.14 7.09 4.58
N ASN A 222 4.20 6.63 3.33
CA ASN A 222 5.29 7.03 2.44
C ASN A 222 5.30 8.53 2.17
N LYS A 223 4.12 9.10 1.97
CA LYS A 223 3.99 10.54 1.74
C LYS A 223 4.33 11.31 3.01
N GLY A 224 3.92 10.79 4.16
CA GLY A 224 4.23 11.39 5.43
C GLY A 224 5.71 11.31 5.75
N MET A 225 6.29 10.15 5.47
CA MET A 225 7.71 9.91 5.73
C MET A 225 8.58 10.84 4.89
N GLU A 226 8.20 11.02 3.63
CA GLU A 226 8.95 11.85 2.69
C GLU A 226 9.08 13.28 3.20
N HIS A 227 8.05 13.75 3.89
CA HIS A 227 8.04 15.10 4.43
C HIS A 227 8.74 15.18 5.78
N LEU A 228 8.82 14.04 6.47
CA LEU A 228 9.48 13.99 7.77
C LEU A 228 10.98 14.22 7.67
N TYR A 229 11.63 13.59 6.69
CA TYR A 229 13.04 13.88 6.44
C TYR A 229 13.24 15.03 5.45
N SER A 230 12.24 15.91 5.39
CA SER A 230 12.35 17.20 4.71
C SER A 230 12.07 18.29 5.75
N MET A 231 11.49 17.87 6.86
CA MET A 231 11.38 18.70 8.05
C MET A 231 12.71 18.70 8.78
N LYS A 232 13.39 17.56 8.72
CA LYS A 232 14.72 17.42 9.33
C LYS A 232 15.73 18.29 8.60
N CYS A 233 15.38 18.68 7.38
CA CYS A 233 16.25 19.52 6.56
C CYS A 233 15.94 21.00 6.77
N ASN A 235 14.72 21.75 9.50
CA ASN A 235 15.02 21.93 10.92
C ASN A 235 13.93 22.75 11.61
N VAL A 236 12.68 22.43 11.30
CA VAL A 236 11.55 23.17 11.84
C VAL A 236 11.38 22.90 13.34
N VAL A 237 11.34 21.62 13.70
CA VAL A 237 11.28 21.24 15.10
C VAL A 237 12.39 20.22 15.39
N PRO A 238 13.02 20.30 16.56
CA PRO A 238 13.99 19.25 16.90
C PRO A 238 13.30 17.91 17.10
N LEU A 239 13.77 16.89 16.41
CA LEU A 239 13.21 15.54 16.54
C LEU A 239 13.96 14.79 17.62
N SER A 240 13.29 13.83 18.26
CA SER A 240 13.94 12.99 19.25
C SER A 240 14.89 12.03 18.57
N ASP A 241 15.88 11.54 19.32
CA ASP A 241 16.87 10.61 18.78
C ASP A 241 16.22 9.33 18.26
N LEU A 242 15.16 8.90 18.94
CA LEU A 242 14.43 7.70 18.54
C LEU A 242 13.64 7.94 17.26
N LEU A 243 12.93 9.06 17.22
CA LEU A 243 12.12 9.42 16.05
C LEU A 243 13.03 9.65 14.84
N LEU A 244 14.27 10.04 15.10
CA LEU A 244 15.26 10.21 14.05
C LEU A 244 15.76 8.86 13.54
N GLU A 245 15.95 7.91 14.46
CA GLU A 245 16.38 6.57 14.10
C GLU A 245 15.35 5.89 13.21
N MET A 246 14.08 5.97 13.62
CA MET A 246 12.99 5.36 12.86
C MET A 246 12.83 6.05 11.51
N LEU A 247 13.28 7.30 11.43
CA LEU A 247 13.18 8.08 10.21
C LEU A 247 14.35 7.78 9.27
N ASP A 248 15.53 7.58 9.84
CA ASP A 248 16.72 7.25 9.08
C ASP A 248 16.60 5.89 8.39
N ALA A 249 15.77 5.02 8.96
CA ALA A 249 15.59 3.67 8.43
C ALA A 249 14.83 3.63 7.11
N HIS A 250 14.41 4.80 6.64
CA HIS A 250 13.71 4.90 5.36
C HIS A 250 14.53 5.69 4.34
N ARG A 251 15.81 5.86 4.62
CA ARG A 251 16.73 6.57 3.74
C ARG A 251 16.26 8.00 3.45
N SER B 8 -25.16 -0.06 -14.34
CA SER B 8 -24.40 0.19 -15.57
C SER B 8 -24.40 -1.05 -16.46
N LEU B 9 -23.22 -1.63 -16.64
CA LEU B 9 -23.07 -2.85 -17.41
C LEU B 9 -22.12 -3.81 -16.68
N ALA B 10 -21.13 -3.21 -16.00
CA ALA B 10 -20.11 -3.99 -15.30
C ALA B 10 -20.67 -4.75 -14.10
N LEU B 11 -21.83 -4.35 -13.62
CA LEU B 11 -22.46 -5.00 -12.48
C LEU B 11 -23.13 -6.31 -12.90
N SER B 12 -23.33 -6.46 -14.21
CA SER B 12 -24.09 -7.58 -14.74
C SER B 12 -23.22 -8.81 -15.01
N LEU B 13 -21.94 -8.57 -15.27
CA LEU B 13 -21.03 -9.65 -15.66
C LEU B 13 -20.91 -10.75 -14.62
N THR B 14 -20.78 -11.99 -15.09
CA THR B 14 -20.49 -13.11 -14.21
C THR B 14 -18.98 -13.18 -14.00
N ALA B 15 -18.55 -14.03 -13.08
CA ALA B 15 -17.13 -14.17 -12.77
C ALA B 15 -16.32 -14.58 -14.00
N ASP B 16 -16.78 -15.61 -14.69
CA ASP B 16 -16.11 -16.09 -15.90
C ASP B 16 -16.15 -15.05 -17.00
N GLN B 17 -17.20 -14.23 -17.00
CA GLN B 17 -17.34 -13.16 -17.97
C GLN B 17 -16.28 -12.08 -17.79
N MET B 18 -16.03 -11.70 -16.54
CA MET B 18 -15.05 -10.66 -16.26
C MET B 18 -13.63 -11.18 -16.46
N VAL B 19 -13.40 -12.44 -16.10
CA VAL B 19 -12.12 -13.08 -16.35
C VAL B 19 -11.83 -13.02 -17.85
N SER B 20 -12.81 -13.47 -18.64
CA SER B 20 -12.72 -13.43 -20.09
C SER B 20 -12.45 -12.01 -20.58
N ALA B 21 -13.24 -11.06 -20.11
CA ALA B 21 -13.11 -9.66 -20.53
C ALA B 21 -11.74 -9.10 -20.14
N LEU B 22 -11.27 -9.41 -18.93
CA LEU B 22 -9.97 -8.94 -18.47
C LEU B 22 -8.84 -9.56 -19.28
N LEU B 23 -8.92 -10.87 -19.50
CA LEU B 23 -7.92 -11.57 -20.29
C LEU B 23 -7.90 -11.05 -21.73
N ASP B 24 -9.07 -10.69 -22.24
CA ASP B 24 -9.18 -10.15 -23.59
C ASP B 24 -8.53 -8.77 -23.69
N ALA B 25 -8.51 -8.05 -22.57
CA ALA B 25 -8.06 -6.67 -22.56
C ALA B 25 -6.55 -6.54 -22.34
N GLU B 26 -5.89 -7.66 -22.04
CA GLU B 26 -4.46 -7.67 -21.73
C GLU B 26 -3.61 -6.99 -22.81
N PRO B 27 -2.80 -6.00 -22.39
CA PRO B 27 -1.89 -5.31 -23.30
C PRO B 27 -0.73 -6.23 -23.68
N PRO B 28 -0.11 -5.98 -24.84
CA PRO B 28 1.02 -6.81 -25.26
C PRO B 28 2.27 -6.54 -24.44
N ILE B 29 3.23 -7.45 -24.50
CA ILE B 29 4.53 -7.24 -23.88
C ILE B 29 5.45 -6.56 -24.88
N LEU B 30 5.77 -5.30 -24.61
CA LEU B 30 6.55 -4.50 -25.55
C LEU B 30 8.04 -4.84 -25.50
N TYR B 31 8.74 -4.48 -26.57
CA TYR B 31 10.18 -4.69 -26.64
C TYR B 31 10.94 -3.42 -26.31
N SER B 32 12.21 -3.56 -25.94
CA SER B 32 13.07 -2.42 -25.66
C SER B 32 13.99 -2.18 -26.84
N GLU B 33 14.60 -1.00 -26.88
CA GLU B 33 15.59 -0.67 -27.90
C GLU B 33 16.98 -1.05 -27.42
N TYR B 34 17.04 -2.09 -26.60
CA TYR B 34 18.29 -2.54 -25.98
C TYR B 34 19.23 -3.22 -26.97
N ASP B 35 20.43 -2.66 -27.11
CA ASP B 35 21.46 -3.26 -27.94
C ASP B 35 22.48 -3.96 -27.05
N PRO B 36 22.45 -5.30 -27.04
CA PRO B 36 23.35 -6.11 -26.20
C PRO B 36 24.81 -6.08 -26.66
N THR B 37 25.10 -5.29 -27.70
CA THR B 37 26.46 -5.11 -28.15
C THR B 37 27.07 -3.86 -27.53
N ARG B 38 26.52 -3.46 -26.38
CA ARG B 38 26.96 -2.27 -25.68
C ARG B 38 26.99 -2.53 -24.17
N PRO B 39 27.88 -1.83 -23.45
CA PRO B 39 27.90 -1.87 -21.98
C PRO B 39 26.64 -1.23 -21.38
N PHE B 40 26.60 -1.07 -20.07
CA PHE B 40 25.41 -0.57 -19.40
C PHE B 40 25.70 0.60 -18.46
N SER B 41 25.40 1.81 -18.92
CA SER B 41 25.54 2.99 -18.08
C SER B 41 24.23 3.31 -17.38
N GLU B 42 24.31 4.03 -16.27
CA GLU B 42 23.13 4.40 -15.50
C GLU B 42 22.15 5.22 -16.33
N ALA B 43 22.68 6.19 -17.06
CA ALA B 43 21.86 7.10 -17.85
C ALA B 43 21.16 6.38 -19.00
N SER B 44 21.90 5.52 -19.70
CA SER B 44 21.36 4.79 -20.84
C SER B 44 20.26 3.83 -20.42
N MET B 45 20.52 3.03 -19.40
CA MET B 45 19.56 2.05 -18.92
C MET B 45 18.25 2.70 -18.47
N MET B 46 18.37 3.79 -17.73
CA MET B 46 17.20 4.54 -17.29
C MET B 46 16.46 5.14 -18.48
N GLY B 47 17.21 5.50 -19.51
CA GLY B 47 16.63 6.00 -20.74
C GLY B 47 15.86 4.91 -21.45
N LEU B 48 16.38 3.69 -21.38
CA LEU B 48 15.72 2.52 -21.96
C LEU B 48 14.39 2.25 -21.27
N LEU B 49 14.44 2.16 -19.95
CA LEU B 49 13.24 1.87 -19.15
C LEU B 49 12.21 2.98 -19.27
N THR B 50 12.68 4.21 -19.43
CA THR B 50 11.79 5.35 -19.62
C THR B 50 11.07 5.27 -20.95
N ASN B 51 11.82 4.96 -22.01
CA ASN B 51 11.25 4.78 -23.34
C ASN B 51 10.24 3.64 -23.37
N LEU B 52 10.56 2.56 -22.67
CA LEU B 52 9.67 1.41 -22.58
C LEU B 52 8.39 1.76 -21.83
N ALA B 53 8.54 2.44 -20.71
CA ALA B 53 7.41 2.83 -19.87
C ALA B 53 6.46 3.78 -20.61
N ASP B 54 7.04 4.69 -21.38
CA ASP B 54 6.25 5.65 -22.15
C ASP B 54 5.37 4.96 -23.19
N ARG B 55 5.95 4.00 -23.90
CA ARG B 55 5.20 3.24 -24.89
C ARG B 55 4.20 2.31 -24.23
N GLU B 56 4.53 1.85 -23.02
CA GLU B 56 3.63 1.00 -22.25
C GLU B 56 2.43 1.79 -21.74
N LEU B 57 2.65 3.06 -21.41
CA LEU B 57 1.60 3.93 -20.91
C LEU B 57 0.43 4.04 -21.90
N VAL B 58 0.77 4.11 -23.18
CA VAL B 58 -0.24 4.23 -24.23
C VAL B 58 -1.13 2.99 -24.28
N HIS B 59 -0.52 1.82 -24.08
CA HIS B 59 -1.26 0.57 -24.06
C HIS B 59 -2.07 0.42 -22.76
N MET B 60 -1.56 0.98 -21.68
CA MET B 60 -2.24 0.92 -20.39
C MET B 60 -3.49 1.78 -20.37
N ILE B 61 -3.39 2.96 -20.99
CA ILE B 61 -4.52 3.88 -21.09
C ILE B 61 -5.68 3.23 -21.83
N ASN B 62 -5.38 2.60 -22.95
CA ASN B 62 -6.40 1.92 -23.75
C ASN B 62 -6.82 0.57 -23.15
N TRP B 63 -6.02 0.07 -22.23
CA TRP B 63 -6.38 -1.15 -21.49
C TRP B 63 -7.36 -0.82 -20.38
N ALA B 64 -7.14 0.31 -19.72
CA ALA B 64 -8.00 0.75 -18.63
C ALA B 64 -9.42 0.97 -19.12
N LYS B 65 -9.56 1.42 -20.37
CA LYS B 65 -10.87 1.63 -20.97
C LYS B 65 -11.63 0.31 -21.09
N ARG B 66 -10.90 -0.78 -21.24
CA ARG B 66 -11.53 -2.10 -21.39
C ARG B 66 -11.74 -2.78 -20.05
N VAL B 67 -11.35 -2.11 -18.97
CA VAL B 67 -11.63 -2.61 -17.63
C VAL B 67 -13.05 -2.23 -17.24
N PRO B 68 -13.87 -3.25 -16.90
CA PRO B 68 -15.29 -3.07 -16.59
C PRO B 68 -15.57 -2.01 -15.53
N GLY B 69 -16.39 -1.02 -15.88
CA GLY B 69 -16.78 0.02 -14.94
C GLY B 69 -15.96 1.28 -15.05
N PHE B 70 -14.79 1.17 -15.68
CA PHE B 70 -13.86 2.31 -15.78
C PHE B 70 -14.40 3.40 -16.70
N VAL B 71 -15.05 3.01 -17.78
CA VAL B 71 -15.62 3.98 -18.72
C VAL B 71 -16.88 4.62 -18.17
N ASP B 72 -17.45 4.02 -17.14
CA ASP B 72 -18.66 4.55 -16.51
C ASP B 72 -18.31 5.75 -15.64
N LEU B 73 -17.04 5.85 -15.27
CA LEU B 73 -16.57 6.96 -14.45
C LEU B 73 -16.35 8.20 -15.31
N THR B 74 -16.34 9.37 -14.68
CA THR B 74 -16.10 10.61 -15.39
C THR B 74 -14.69 10.66 -15.94
N LEU B 75 -14.46 11.52 -16.93
CA LEU B 75 -13.14 11.68 -17.53
C LEU B 75 -12.15 12.17 -16.48
N HIS B 76 -12.63 13.04 -15.59
CA HIS B 76 -11.80 13.60 -14.53
C HIS B 76 -11.34 12.53 -13.54
N ASP B 77 -12.20 11.55 -13.28
CA ASP B 77 -11.87 10.48 -12.35
C ASP B 77 -10.99 9.41 -12.98
N GLN B 78 -11.22 9.14 -14.27
CA GLN B 78 -10.39 8.20 -15.01
C GLN B 78 -8.94 8.67 -15.02
N VAL B 79 -8.76 9.97 -15.25
CA VAL B 79 -7.45 10.59 -15.21
C VAL B 79 -6.81 10.40 -13.84
N HIS B 80 -7.59 10.67 -12.80
CA HIS B 80 -7.09 10.57 -11.43
C HIS B 80 -6.63 9.17 -11.06
N LEU B 81 -7.39 8.16 -11.48
CA LEU B 81 -7.05 6.77 -11.18
C LEU B 81 -5.75 6.35 -11.87
N LEU B 82 -5.60 6.75 -13.13
CA LEU B 82 -4.40 6.41 -13.90
C LEU B 82 -3.17 7.15 -13.40
N GLU B 83 -3.34 8.42 -13.07
CA GLU B 83 -2.24 9.23 -12.53
C GLU B 83 -1.68 8.64 -11.26
N CYS B 84 -2.55 8.00 -10.48
CA CYS B 84 -2.18 7.46 -9.18
C CYS B 84 -1.58 6.06 -9.25
N ALA B 85 -2.01 5.27 -10.22
CA ALA B 85 -1.69 3.85 -10.22
C ALA B 85 -0.80 3.38 -11.37
N TRP B 86 -0.40 4.29 -12.27
CA TRP B 86 0.31 3.90 -13.48
C TRP B 86 1.62 3.14 -13.22
N LEU B 87 2.41 3.61 -12.27
CA LEU B 87 3.67 2.97 -11.94
C LEU B 87 3.43 1.65 -11.20
N GLU B 88 2.36 1.61 -10.40
CA GLU B 88 1.95 0.37 -9.74
C GLU B 88 1.59 -0.69 -10.77
N ILE B 89 0.88 -0.27 -11.80
CA ILE B 89 0.43 -1.17 -12.86
C ILE B 89 1.62 -1.64 -13.70
N LEU B 90 2.54 -0.74 -13.98
CA LEU B 90 3.77 -1.10 -14.69
C LEU B 90 4.59 -2.10 -13.89
N MET B 91 4.62 -1.91 -12.57
CA MET B 91 5.43 -2.73 -11.69
C MET B 91 4.89 -4.15 -11.51
N ILE B 92 3.58 -4.28 -11.32
CA ILE B 92 2.99 -5.61 -11.16
C ILE B 92 3.05 -6.40 -12.47
N GLY B 93 3.01 -5.67 -13.59
CA GLY B 93 3.16 -6.30 -14.89
C GLY B 93 4.58 -6.79 -15.07
N LEU B 94 5.54 -5.98 -14.62
CA LEU B 94 6.95 -6.35 -14.66
C LEU B 94 7.21 -7.58 -13.80
N VAL B 95 6.69 -7.55 -12.58
CA VAL B 95 6.83 -8.65 -11.64
C VAL B 95 6.20 -9.92 -12.19
N TRP B 96 5.08 -9.78 -12.88
CA TRP B 96 4.39 -10.91 -13.49
C TRP B 96 5.22 -11.53 -14.62
N ARG B 97 5.87 -10.69 -15.41
CA ARG B 97 6.72 -11.16 -16.51
C ARG B 97 7.93 -11.92 -15.99
N SER B 98 8.33 -11.62 -14.75
CA SER B 98 9.58 -12.13 -14.20
C SER B 98 9.39 -13.34 -13.29
N MET B 99 8.17 -13.86 -13.22
CA MET B 99 7.86 -14.97 -12.34
C MET B 99 8.72 -16.21 -12.56
N GLU B 100 8.93 -16.57 -13.83
CA GLU B 100 9.70 -17.76 -14.17
CA GLU B 100 9.69 -17.75 -14.19
C GLU B 100 11.16 -17.43 -14.46
N HIS B 101 11.62 -16.29 -13.95
CA HIS B 101 13.01 -15.89 -14.11
C HIS B 101 13.63 -15.50 -12.76
N PRO B 102 13.97 -16.51 -11.94
CA PRO B 102 14.50 -16.31 -10.59
C PRO B 102 15.74 -15.42 -10.56
N GLY B 103 15.70 -14.37 -9.73
CA GLY B 103 16.83 -13.47 -9.56
C GLY B 103 16.97 -12.49 -10.70
N LYS B 104 16.00 -12.47 -11.62
CA LYS B 104 16.04 -11.58 -12.76
C LYS B 104 14.71 -10.86 -13.00
N LEU B 105 14.78 -9.66 -13.55
CA LEU B 105 13.58 -8.92 -13.91
C LEU B 105 13.48 -8.80 -15.43
N LEU B 106 12.34 -9.23 -15.98
CA LEU B 106 12.14 -9.20 -17.42
C LEU B 106 11.37 -7.95 -17.83
N PHE B 107 12.09 -6.85 -18.02
CA PHE B 107 11.49 -5.60 -18.46
C PHE B 107 10.93 -5.76 -19.86
N ALA B 108 11.61 -6.58 -20.66
CA ALA B 108 11.20 -6.90 -22.02
C ALA B 108 11.89 -8.20 -22.40
N PRO B 109 11.30 -8.96 -23.34
CA PRO B 109 11.87 -10.24 -23.76
C PRO B 109 13.35 -10.14 -24.16
N ASN B 110 13.76 -8.97 -24.64
CA ASN B 110 15.15 -8.74 -25.01
C ASN B 110 15.93 -8.04 -23.90
N LEU B 111 15.26 -7.75 -22.78
CA LEU B 111 15.89 -7.07 -21.66
C LEU B 111 15.63 -7.79 -20.34
N LEU B 112 16.59 -8.60 -19.93
CA LEU B 112 16.46 -9.40 -18.71
C LEU B 112 17.67 -9.16 -17.80
N LEU B 113 17.47 -8.39 -16.73
CA LEU B 113 18.56 -7.99 -15.84
C LEU B 113 18.45 -8.60 -14.45
N ASP B 114 19.59 -8.94 -13.86
CA ASP B 114 19.64 -9.39 -12.48
C ASP B 114 20.01 -8.25 -11.53
N ARG B 115 20.14 -8.57 -10.25
CA ARG B 115 20.44 -7.56 -9.23
C ARG B 115 21.79 -6.88 -9.45
N ASN B 116 22.73 -7.63 -10.05
CA ASN B 116 24.06 -7.11 -10.33
C ASN B 116 24.02 -5.92 -11.29
N GLN B 117 23.31 -6.09 -12.40
CA GLN B 117 23.18 -5.04 -13.40
C GLN B 117 22.20 -3.97 -12.94
N GLY B 118 21.58 -4.20 -11.79
CA GLY B 118 20.64 -3.24 -11.22
C GLY B 118 21.36 -2.16 -10.44
N LYS B 119 22.56 -2.48 -9.95
CA LYS B 119 23.36 -1.52 -9.20
C LYS B 119 23.76 -0.33 -10.06
N CYS B 120 23.89 -0.57 -11.37
CA CYS B 120 24.38 0.42 -12.31
C CYS B 120 23.68 1.77 -12.17
N VAL B 121 22.40 1.72 -11.83
CA VAL B 121 21.65 2.93 -11.50
C VAL B 121 21.73 3.17 -9.99
N GLU B 122 22.17 4.36 -9.61
CA GLU B 122 22.33 4.70 -8.20
C GLU B 122 20.99 4.84 -7.50
N GLY B 123 20.74 3.96 -6.53
CA GLY B 123 19.50 3.98 -5.77
C GLY B 123 18.39 3.16 -6.41
N MET B 124 18.76 2.12 -7.15
CA MET B 124 17.82 1.22 -7.84
C MET B 124 17.85 -0.19 -7.27
N VAL B 125 19.01 -0.58 -6.78
CA VAL B 125 19.22 -1.93 -6.27
C VAL B 125 18.21 -2.29 -5.18
N GLU B 126 17.77 -1.29 -4.43
CA GLU B 126 16.79 -1.50 -3.37
C GLU B 126 15.42 -1.87 -3.94
N ILE B 127 15.00 -1.12 -4.97
CA ILE B 127 13.75 -1.38 -5.68
C ILE B 127 13.86 -2.74 -6.34
N PHE B 128 15.04 -2.99 -6.89
CA PHE B 128 15.32 -4.19 -7.62
C PHE B 128 15.03 -5.37 -6.72
N ASP B 129 15.56 -5.32 -5.51
CA ASP B 129 15.36 -6.39 -4.53
C ASP B 129 13.90 -6.53 -4.13
N MET B 130 13.19 -5.41 -4.06
CA MET B 130 11.78 -5.42 -3.69
C MET B 130 10.94 -6.05 -4.78
N LEU B 131 11.23 -5.69 -6.04
CA LEU B 131 10.56 -6.29 -7.18
C LEU B 131 10.90 -7.77 -7.30
N LEU B 132 12.16 -8.10 -7.03
CA LEU B 132 12.62 -9.49 -7.06
C LEU B 132 11.89 -10.33 -6.03
N ALA B 133 11.77 -9.80 -4.82
CA ALA B 133 11.09 -10.51 -3.73
C ALA B 133 9.61 -10.70 -4.05
N THR B 134 9.03 -9.71 -4.74
CA THR B 134 7.63 -9.76 -5.13
C THR B 134 7.42 -10.87 -6.16
N SER B 135 8.34 -10.97 -7.11
CA SER B 135 8.27 -12.00 -8.14
C SER B 135 8.42 -13.39 -7.56
N SER B 136 9.29 -13.52 -6.55
CA SER B 136 9.46 -14.78 -5.84
C SER B 136 8.18 -15.14 -5.11
N ARG B 137 7.59 -14.13 -4.49
CA ARG B 137 6.35 -14.29 -3.75
C ARG B 137 5.25 -14.86 -4.64
N PHE B 138 5.14 -14.32 -5.85
CA PHE B 138 4.19 -14.81 -6.83
C PHE B 138 4.54 -16.23 -7.26
N ARG B 139 5.84 -16.52 -7.32
CA ARG B 139 6.30 -17.82 -7.80
C ARG B 139 5.90 -18.95 -6.86
N MET B 140 6.13 -18.78 -5.57
CA MET B 140 5.79 -19.80 -4.59
C MET B 140 4.27 -19.98 -4.47
N MET B 141 3.54 -18.89 -4.71
CA MET B 141 2.08 -18.94 -4.69
C MET B 141 1.56 -19.61 -5.95
N ASN B 142 2.42 -19.69 -6.96
CA ASN B 142 2.03 -20.12 -8.30
C ASN B 142 0.86 -19.27 -8.78
N LEU B 143 1.09 -17.95 -8.80
CA LEU B 143 0.06 -17.00 -9.21
C LEU B 143 -0.43 -17.27 -10.61
N GLN B 144 -1.75 -17.38 -10.77
CA GLN B 144 -2.35 -17.65 -12.07
C GLN B 144 -2.60 -16.37 -12.84
N GLY B 145 -2.63 -16.49 -14.17
CA GLY B 145 -2.89 -15.34 -15.03
C GLY B 145 -4.25 -14.74 -14.77
N GLU B 146 -5.23 -15.59 -14.49
CA GLU B 146 -6.58 -15.15 -14.18
C GLU B 146 -6.62 -14.30 -12.91
N GLU B 147 -5.77 -14.67 -11.95
CA GLU B 147 -5.67 -13.93 -10.70
C GLU B 147 -4.90 -12.63 -10.89
N PHE B 148 -3.87 -12.67 -11.74
CA PHE B 148 -3.04 -11.50 -12.02
C PHE B 148 -3.84 -10.35 -12.61
N VAL B 149 -4.64 -10.63 -13.63
CA VAL B 149 -5.43 -9.59 -14.29
C VAL B 149 -6.48 -9.00 -13.36
N CYS B 150 -6.93 -9.79 -12.39
CA CYS B 150 -7.85 -9.29 -11.37
C CYS B 150 -7.14 -8.30 -10.45
N LEU B 151 -5.97 -8.68 -9.98
CA LEU B 151 -5.16 -7.84 -9.10
C LEU B 151 -4.83 -6.51 -9.77
N LYS B 152 -4.54 -6.57 -11.07
CA LYS B 152 -4.16 -5.38 -11.82
C LYS B 152 -5.34 -4.42 -11.95
N SER B 153 -6.53 -4.97 -12.16
CA SER B 153 -7.75 -4.17 -12.23
C SER B 153 -8.06 -3.54 -10.88
N ILE B 154 -7.78 -4.29 -9.81
CA ILE B 154 -8.00 -3.79 -8.46
C ILE B 154 -7.13 -2.57 -8.19
N ILE B 155 -5.85 -2.68 -8.51
CA ILE B 155 -4.91 -1.58 -8.36
C ILE B 155 -5.38 -0.32 -9.08
N LEU B 156 -5.87 -0.48 -10.30
CA LEU B 156 -6.38 0.63 -11.09
C LEU B 156 -7.54 1.35 -10.40
N LEU B 157 -8.47 0.56 -9.85
CA LEU B 157 -9.68 1.12 -9.26
C LEU B 157 -9.51 1.50 -7.78
N ASN B 158 -8.62 0.82 -7.08
CA ASN B 158 -8.47 1.03 -5.64
C ASN B 158 -7.47 2.13 -5.27
N SER B 159 -6.38 2.22 -6.02
CA SER B 159 -5.27 3.10 -5.63
C SER B 159 -5.62 4.58 -5.51
N GLY B 160 -6.51 5.06 -6.38
CA GLY B 160 -6.86 6.47 -6.38
C GLY B 160 -8.25 6.78 -5.84
N VAL B 161 -8.91 5.76 -5.29
CA VAL B 161 -10.30 5.92 -4.85
C VAL B 161 -10.43 6.70 -3.54
N TYR B 162 -9.38 6.70 -2.72
CA TYR B 162 -9.43 7.36 -1.42
C TYR B 162 -8.97 8.82 -1.52
N THR B 163 -8.48 9.21 -2.68
CA THR B 163 -7.96 10.56 -2.88
C THR B 163 -9.04 11.46 -3.50
N SER B 171 -23.07 13.86 -3.35
CA SER B 171 -22.36 14.53 -4.43
C SER B 171 -21.93 13.52 -5.47
N LEU B 172 -20.76 12.95 -5.24
CA LEU B 172 -20.17 12.05 -6.21
C LEU B 172 -20.58 10.60 -5.91
N GLU B 173 -21.72 10.19 -6.50
CA GLU B 173 -22.24 8.82 -6.50
C GLU B 173 -21.04 7.86 -6.62
N GLU B 174 -20.68 7.53 -7.85
CA GLU B 174 -19.30 7.25 -8.27
C GLU B 174 -18.29 6.68 -7.25
N LYS B 175 -18.29 7.16 -6.01
CA LYS B 175 -17.37 6.64 -5.00
C LYS B 175 -17.74 5.18 -4.78
N ASP B 176 -19.05 4.97 -4.67
CA ASP B 176 -19.62 3.69 -4.33
C ASP B 176 -19.67 2.73 -5.52
N HIS B 177 -19.79 3.26 -6.73
CA HIS B 177 -19.84 2.39 -7.91
C HIS B 177 -18.54 1.63 -8.10
N ILE B 178 -17.43 2.32 -7.82
CA ILE B 178 -16.11 1.71 -7.90
C ILE B 178 -15.97 0.58 -6.89
N HIS B 179 -16.47 0.80 -5.67
CA HIS B 179 -16.46 -0.20 -4.63
C HIS B 179 -17.29 -1.41 -5.03
N ARG B 180 -18.37 -1.17 -5.76
CA ARG B 180 -19.25 -2.23 -6.22
C ARG B 180 -18.53 -3.10 -7.25
N VAL B 181 -17.71 -2.46 -8.09
CA VAL B 181 -16.90 -3.19 -9.05
C VAL B 181 -15.84 -4.00 -8.32
N LEU B 182 -15.19 -3.35 -7.35
CA LEU B 182 -14.17 -4.02 -6.54
C LEU B 182 -14.71 -5.26 -5.85
N ASP B 183 -15.92 -5.15 -5.31
CA ASP B 183 -16.60 -6.27 -4.68
C ASP B 183 -16.78 -7.42 -5.68
N LYS B 184 -17.20 -7.07 -6.89
CA LYS B 184 -17.41 -8.05 -7.95
C LYS B 184 -16.09 -8.71 -8.35
N ILE B 185 -15.00 -7.96 -8.27
CA ILE B 185 -13.68 -8.49 -8.60
C ILE B 185 -13.21 -9.43 -7.49
N THR B 186 -13.58 -9.13 -6.25
CA THR B 186 -13.30 -10.01 -5.13
C THR B 186 -14.03 -11.33 -5.31
N ASP B 187 -15.29 -11.26 -5.69
CA ASP B 187 -16.11 -12.44 -5.94
C ASP B 187 -15.47 -13.32 -7.01
N THR B 188 -14.84 -12.67 -7.99
CA THR B 188 -14.20 -13.37 -9.09
C THR B 188 -12.97 -14.15 -8.65
N LEU B 189 -12.13 -13.51 -7.83
CA LEU B 189 -10.94 -14.16 -7.28
C LEU B 189 -11.32 -15.39 -6.46
N ILE B 190 -12.35 -15.24 -5.63
CA ILE B 190 -12.86 -16.34 -4.83
C ILE B 190 -13.39 -17.46 -5.72
N HIS B 191 -14.11 -17.08 -6.76
CA HIS B 191 -14.62 -18.03 -7.74
C HIS B 191 -13.50 -18.83 -8.38
N LEU B 192 -12.41 -18.14 -8.70
CA LEU B 192 -11.24 -18.78 -9.31
C LEU B 192 -10.58 -19.77 -8.36
N MET B 193 -10.44 -19.39 -7.10
CA MET B 193 -9.77 -20.22 -6.11
C MET B 193 -10.59 -21.47 -5.77
N ALA B 194 -11.91 -21.32 -5.73
CA ALA B 194 -12.79 -22.44 -5.47
C ALA B 194 -12.72 -23.43 -6.63
N LYS B 195 -12.64 -22.90 -7.84
CA LYS B 195 -12.49 -23.72 -9.03
C LYS B 195 -11.15 -24.46 -9.02
N ALA B 196 -10.15 -23.84 -8.41
CA ALA B 196 -8.84 -24.46 -8.26
C ALA B 196 -8.88 -25.58 -7.23
N GLY B 197 -10.00 -25.68 -6.52
CA GLY B 197 -10.21 -26.76 -5.57
C GLY B 197 -9.89 -26.40 -4.14
N LEU B 198 -9.41 -25.19 -3.93
CA LEU B 198 -9.02 -24.74 -2.60
C LEU B 198 -10.21 -24.74 -1.63
N THR B 199 -9.94 -25.06 -0.38
CA THR B 199 -10.97 -25.00 0.65
C THR B 199 -11.27 -23.56 1.01
N LEU B 200 -12.36 -23.33 1.72
CA LEU B 200 -12.78 -21.98 2.10
C LEU B 200 -11.71 -21.25 2.90
N GLN B 201 -11.11 -21.94 3.87
CA GLN B 201 -10.03 -21.36 4.66
C GLN B 201 -8.85 -21.02 3.77
N GLN B 202 -8.61 -21.87 2.77
CA GLN B 202 -7.53 -21.65 1.81
C GLN B 202 -7.84 -20.49 0.86
N GLN B 203 -9.11 -20.33 0.52
CA GLN B 203 -9.54 -19.25 -0.36
C GLN B 203 -9.39 -17.90 0.33
N HIS B 204 -9.76 -17.85 1.60
CA HIS B 204 -9.68 -16.62 2.39
C HIS B 204 -8.22 -16.21 2.63
N GLN B 205 -7.39 -17.18 2.97
CA GLN B 205 -5.97 -16.93 3.20
C GLN B 205 -5.28 -16.43 1.94
N ARG B 206 -5.49 -17.14 0.84
CA ARG B 206 -4.87 -16.79 -0.44
C ARG B 206 -5.35 -15.43 -0.94
N LEU B 207 -6.62 -15.12 -0.71
CA LEU B 207 -7.16 -13.83 -1.07
C LEU B 207 -6.45 -12.72 -0.30
N ALA B 208 -6.29 -12.93 1.00
CA ALA B 208 -5.59 -11.99 1.86
C ALA B 208 -4.13 -11.82 1.40
N GLN B 209 -3.48 -12.96 1.16
CA GLN B 209 -2.08 -12.97 0.72
C GLN B 209 -1.86 -12.15 -0.54
N LEU B 210 -2.77 -12.26 -1.50
CA LEU B 210 -2.67 -11.52 -2.75
C LEU B 210 -2.86 -10.02 -2.54
N LEU B 211 -3.79 -9.66 -1.66
CA LEU B 211 -4.10 -8.25 -1.43
C LEU B 211 -3.04 -7.56 -0.57
N LEU B 212 -2.37 -8.32 0.29
CA LEU B 212 -1.31 -7.76 1.12
C LEU B 212 -0.11 -7.38 0.28
N ILE B 213 0.08 -8.09 -0.82
CA ILE B 213 1.15 -7.82 -1.78
C ILE B 213 0.95 -6.44 -2.42
N LEU B 214 -0.30 -6.05 -2.59
CA LEU B 214 -0.62 -4.76 -3.19
C LEU B 214 -0.16 -3.59 -2.32
N SER B 215 0.01 -3.84 -1.02
CA SER B 215 0.53 -2.82 -0.11
C SER B 215 2.02 -2.62 -0.36
N HIS B 216 2.67 -3.73 -0.64
CA HIS B 216 4.10 -3.61 -1.11
CA HIS B 216 4.01 -3.67 -1.21
C HIS B 216 4.40 -2.97 -2.60
N ILE B 217 3.40 -3.30 -3.42
CA ILE B 217 3.44 -2.73 -4.75
C ILE B 217 3.23 -1.22 -4.68
N ARG B 218 2.37 -0.81 -3.76
CA ARG B 218 2.17 0.60 -3.47
C ARG B 218 3.47 1.21 -2.97
N HIS B 219 4.14 0.49 -2.07
CA HIS B 219 5.38 0.95 -1.46
C HIS B 219 6.46 1.13 -2.52
N MET B 220 6.63 0.12 -3.37
CA MET B 220 7.61 0.17 -4.44
C MET B 220 7.33 1.32 -5.41
N SER B 221 6.06 1.57 -5.66
CA SER B 221 5.66 2.66 -6.55
C SER B 221 6.04 4.01 -5.96
N ASN B 222 5.76 4.19 -4.67
CA ASN B 222 6.12 5.43 -3.98
C ASN B 222 7.62 5.67 -4.01
N LYS B 223 8.38 4.63 -3.67
CA LYS B 223 9.84 4.71 -3.70
C LYS B 223 10.34 5.01 -5.11
N GLY B 224 9.79 4.30 -6.08
CA GLY B 224 10.15 4.48 -7.47
C GLY B 224 9.78 5.85 -8.00
N MET B 225 8.58 6.30 -7.65
CA MET B 225 8.10 7.61 -8.07
C MET B 225 8.99 8.68 -7.45
N GLU B 226 9.41 8.45 -6.21
CA GLU B 226 10.15 9.44 -5.43
C GLU B 226 11.42 9.97 -6.11
N HIS B 227 12.21 9.09 -6.72
CA HIS B 227 13.44 9.50 -7.40
C HIS B 227 13.23 9.78 -8.88
N LEU B 228 12.13 9.31 -9.45
CA LEU B 228 11.80 9.67 -10.82
C LEU B 228 11.65 11.19 -10.90
N TYR B 229 11.10 11.80 -9.85
CA TYR B 229 11.04 13.26 -9.79
C TYR B 229 12.22 13.90 -9.06
N SER B 230 13.28 13.13 -8.86
CA SER B 230 14.59 13.68 -8.49
C SER B 230 15.50 13.46 -9.68
N MET B 231 15.23 12.39 -10.40
CA MET B 231 15.91 12.08 -11.66
C MET B 231 15.48 13.08 -12.71
N LYS B 232 14.27 13.63 -12.54
CA LYS B 232 13.75 14.65 -13.44
C LYS B 232 14.67 15.85 -13.44
N CYS B 233 15.15 16.22 -12.27
CA CYS B 233 16.25 17.17 -12.17
C CYS B 233 17.45 16.46 -12.80
N LYS B 234 18.01 17.09 -13.83
CA LYS B 234 19.10 16.55 -14.63
C LYS B 234 18.68 15.41 -15.57
N ASN B 235 19.69 14.77 -16.15
CA ASN B 235 19.59 13.50 -16.87
C ASN B 235 19.05 13.56 -18.30
N PRO B 238 15.50 12.88 -18.79
CA PRO B 238 15.41 12.37 -20.16
C PRO B 238 14.02 11.78 -20.38
N LEU B 239 13.01 12.50 -19.92
CA LEU B 239 11.66 11.95 -19.84
C LEU B 239 10.74 12.44 -20.96
N SER B 240 9.86 11.56 -21.41
CA SER B 240 8.88 11.88 -22.43
C SER B 240 7.79 12.79 -21.86
N ASP B 241 6.90 13.26 -22.73
CA ASP B 241 5.89 14.23 -22.33
C ASP B 241 4.77 13.64 -21.45
N LEU B 242 4.25 12.49 -21.85
CA LEU B 242 3.19 11.85 -21.06
C LEU B 242 3.72 11.40 -19.70
N LEU B 243 4.97 10.94 -19.69
CA LEU B 243 5.60 10.46 -18.46
C LEU B 243 5.81 11.62 -17.49
N LEU B 244 6.17 12.78 -18.03
CA LEU B 244 6.38 13.97 -17.21
C LEU B 244 5.07 14.47 -16.59
N GLU B 245 3.98 14.39 -17.35
CA GLU B 245 2.68 14.82 -16.86
C GLU B 245 2.16 13.92 -15.74
N MET B 246 2.38 12.62 -15.89
CA MET B 246 1.92 11.66 -14.88
C MET B 246 2.86 11.65 -13.68
N LEU B 247 4.10 12.04 -13.90
CA LEU B 247 5.05 12.20 -12.81
C LEU B 247 4.75 13.49 -12.06
N ASP B 248 4.25 14.49 -12.78
CA ASP B 248 3.86 15.75 -12.18
C ASP B 248 2.72 15.56 -11.17
N ALA B 249 1.88 14.58 -11.43
CA ALA B 249 0.70 14.33 -10.61
C ALA B 249 1.03 13.88 -9.19
N HIS B 250 2.28 13.50 -8.95
CA HIS B 250 2.67 12.99 -7.63
C HIS B 250 3.45 13.99 -6.79
N ARG B 251 4.20 14.88 -7.44
CA ARG B 251 4.91 15.95 -6.72
C ARG B 251 5.44 17.01 -7.68
N LYS C 3 21.36 0.46 18.19
CA LYS C 3 20.45 1.60 18.15
C LYS C 3 19.53 1.61 19.37
N ILE C 4 18.83 2.71 19.56
CA ILE C 4 17.90 2.87 20.67
C ILE C 4 16.81 1.82 20.62
N LEU C 5 16.33 1.55 19.41
CA LEU C 5 15.24 0.61 19.18
C LEU C 5 15.56 -0.78 19.74
N HIS C 6 16.84 -1.16 19.71
CA HIS C 6 17.27 -2.44 20.25
C HIS C 6 17.03 -2.52 21.75
N ARG C 7 17.30 -1.43 22.46
CA ARG C 7 17.15 -1.39 23.91
C ARG C 7 15.70 -1.54 24.33
N LEU C 8 14.83 -0.73 23.74
CA LEU C 8 13.42 -0.71 24.09
C LEU C 8 12.75 -2.05 23.80
N LEU C 9 13.30 -2.79 22.85
CA LEU C 9 12.79 -4.12 22.51
C LEU C 9 13.20 -5.18 23.55
N GLN C 10 14.43 -5.09 24.01
CA GLN C 10 14.94 -6.06 24.99
C GLN C 10 14.43 -5.74 26.39
N ASP C 11 14.21 -4.46 26.67
CA ASP C 11 13.67 -4.04 27.96
C ASP C 11 12.24 -4.53 28.15
N LYS D 3 -3.31 18.45 -21.33
CA LYS D 3 -2.97 17.21 -20.65
C LYS D 3 -3.11 16.02 -21.60
N ILE D 4 -1.99 15.36 -21.87
CA ILE D 4 -1.97 14.23 -22.81
C ILE D 4 -2.85 13.06 -22.37
N LEU D 5 -2.75 12.70 -21.08
CA LEU D 5 -3.53 11.60 -20.53
C LEU D 5 -5.04 11.81 -20.72
N HIS D 6 -5.48 13.05 -20.51
CA HIS D 6 -6.89 13.39 -20.67
C HIS D 6 -7.32 13.23 -22.12
N ARG D 7 -6.46 13.65 -23.05
CA ARG D 7 -6.75 13.57 -24.47
C ARG D 7 -6.85 12.14 -24.95
N LEU D 8 -5.89 11.32 -24.55
CA LEU D 8 -5.84 9.92 -24.97
C LEU D 8 -7.03 9.14 -24.42
N LEU D 9 -7.48 9.53 -23.23
CA LEU D 9 -8.68 8.92 -22.64
C LEU D 9 -9.93 9.31 -23.41
N GLN D 10 -9.80 10.32 -24.27
CA GLN D 10 -10.87 10.71 -25.17
C GLN D 10 -10.63 10.13 -26.55
N ASP D 11 -9.59 10.63 -27.20
CA ASP D 11 -9.36 10.40 -28.61
C ASP D 11 -8.43 9.22 -28.88
C01 5CC E . -0.71 13.38 10.82
C02 5CC E . 0.37 12.34 10.81
C03 5CC E . 1.53 12.84 11.61
C04 5CC E . 2.40 13.33 10.48
C05 5CC E . 3.15 12.40 9.76
C06 5CC E . 3.97 12.81 8.72
C07 5CC E . 4.05 14.16 8.39
C08 5CC E . 3.31 15.10 9.10
N09 5CC E . 3.36 16.49 8.80
C10 5CC E . 3.68 17.01 7.49
C11 5CC E . 3.15 16.42 6.34
C12 5CC E . 3.47 16.92 5.09
C13 5CC E . 4.30 18.04 4.98
C14 5CC E . 4.83 18.61 6.12
C15 5CC E . 4.52 18.10 7.37
C16 5CC E . 2.49 14.69 10.14
C17 5CC E . 2.16 11.93 12.45
C18 5CC E . 3.52 12.29 12.97
C19 5CC E . 3.81 13.62 13.26
C20 5CC E . 5.06 13.99 13.73
C21 5CC E . 6.04 13.03 13.91
O22 5CC E . 7.28 13.40 14.36
C23 5CC E . 5.76 11.70 13.61
C24 5CC E . 4.51 11.32 13.14
C25 5CC E . 1.43 11.31 13.63
C26 5CC E . 1.65 11.79 14.92
C27 5CC E . 0.99 11.22 16.01
C28 5CC E . 0.11 10.17 15.82
O29 5CC E . -0.54 9.61 16.89
C30 5CC E . -0.12 9.68 14.54
C31 5CC E . 0.55 10.25 13.46
C01 5CC F . 12.35 -0.72 -12.32
C02 5CC F . 11.13 0.08 -12.42
C03 5CC F . 11.42 1.15 -13.38
C04 5CC F . 11.82 2.20 -12.39
C05 5CC F . 10.88 3.04 -11.86
C06 5CC F . 11.22 4.03 -10.96
C07 5CC F . 12.54 4.17 -10.58
C08 5CC F . 13.50 3.34 -11.10
N09 5CC F . 14.88 3.46 -10.71
C10 5CC F . 15.50 4.68 -10.23
C11 5CC F . 16.15 4.71 -9.01
C12 5CC F . 16.77 5.86 -8.54
C13 5CC F . 16.75 7.01 -9.30
C14 5CC F . 16.14 7.00 -10.52
C15 5CC F . 15.52 5.85 -10.98
C16 5CC F . 13.14 2.36 -12.00
C17 5CC F . 10.36 1.49 -14.20
C18 5CC F . 10.36 2.84 -14.82
C19 5CC F . 11.55 3.43 -15.17
C20 5CC F . 11.55 4.67 -15.70
C21 5CC F . 10.36 5.32 -15.86
O22 5CC F . 10.35 6.56 -16.37
C23 5CC F . 9.18 4.76 -15.48
C24 5CC F . 9.20 3.52 -14.96
C25 5CC F . 9.57 0.57 -15.05
C26 5CC F . 9.74 0.61 -16.42
C27 5CC F . 9.05 -0.24 -17.22
C28 5CC F . 8.18 -1.11 -16.66
O29 5CC F . 7.50 -1.90 -17.45
C30 5CC F . 7.98 -1.16 -15.31
C31 5CC F . 8.69 -0.32 -14.50
#